data_9JHT
#
_entry.id   9JHT
#
_cell.length_a   83.260
_cell.length_b   98.850
_cell.length_c   199.430
_cell.angle_alpha   90.000
_cell.angle_beta   90.000
_cell.angle_gamma   90.000
#
_symmetry.space_group_name_H-M   'I 2 2 2'
#
loop_
_entity.id
_entity.type
_entity.pdbx_description
1 polymer JukB
2 non-polymer 'ZINC ION'
3 water water
#
_entity_poly.entity_id   1
_entity_poly.type   'polypeptide(L)'
_entity_poly.pdbx_seq_one_letter_code
;MGSSHHHHHHSQDPMISNTIKTIMVPDWDKVDPEIIELIKSGHMRLREGIVYWSKGKKLIDGAGSIVKHLPFKEMTVDLS
EGVNVVELAKASAAVKQSIFLAAGLSTGIILGAIVIQTVYLSKKLEKIQASIDKIAVEIQTQNQLFYLEKLSSYIGSVMA
AHELLGIYQEHDPIPEIVGPLLVTLAQQRNELCTFLMKLIGWIEQGNNLDGKNTITQEHAALIIDFITHVLDMMPKAIYI
ESTLYTRLGHYHHADTLVETAGAKYTAVLQAYRGWARDSYDNLLTGSSSSHNNRLLTNKFNDIKSLLNSLENKILLGKNE
QLNQQDEKLVIALPV
;
_entity_poly.pdbx_strand_id   A,B
#
# COMPACT_ATOMS: atom_id res chain seq x y z
N ILE A 20 8.92 -33.93 -7.82
CA ILE A 20 8.63 -34.83 -6.70
C ILE A 20 9.07 -34.20 -5.37
N LYS A 21 8.08 -33.68 -4.64
CA LYS A 21 8.31 -33.00 -3.38
C LYS A 21 7.32 -33.51 -2.33
N THR A 22 7.69 -33.30 -1.07
CA THR A 22 6.90 -33.73 0.08
C THR A 22 6.52 -32.52 0.91
N ILE A 23 5.22 -32.27 1.04
CA ILE A 23 4.71 -31.16 1.82
C ILE A 23 4.01 -31.71 3.05
N MET A 24 3.64 -30.81 3.96
CA MET A 24 2.93 -31.15 5.19
C MET A 24 1.54 -30.55 5.12
N VAL A 25 0.52 -31.41 5.19
CA VAL A 25 -0.88 -30.98 5.12
C VAL A 25 -1.57 -31.33 6.42
N PRO A 26 -2.62 -30.61 6.83
CA PRO A 26 -3.31 -30.94 8.08
C PRO A 26 -3.84 -32.36 8.08
N ASP A 27 -3.58 -33.08 9.18
CA ASP A 27 -4.04 -34.46 9.35
C ASP A 27 -5.36 -34.39 10.11
N TRP A 28 -6.46 -34.45 9.36
CA TRP A 28 -7.79 -34.29 9.95
C TRP A 28 -8.24 -35.50 10.75
N ASP A 29 -7.56 -36.65 10.61
CA ASP A 29 -7.89 -37.79 11.45
C ASP A 29 -7.46 -37.58 12.90
N LYS A 30 -6.54 -36.64 13.14
CA LYS A 30 -6.11 -36.28 14.50
C LYS A 30 -6.72 -34.96 14.97
N VAL A 31 -7.76 -34.49 14.29
CA VAL A 31 -8.41 -33.21 14.62
C VAL A 31 -9.72 -33.50 15.31
N ASP A 32 -9.95 -32.83 16.43
CA ASP A 32 -11.17 -33.03 17.20
C ASP A 32 -12.39 -32.69 16.35
N PRO A 33 -13.41 -33.55 16.32
CA PRO A 33 -14.56 -33.31 15.41
C PRO A 33 -15.32 -32.03 15.70
N GLU A 34 -15.36 -31.59 16.95
CA GLU A 34 -16.04 -30.33 17.27
C GLU A 34 -15.37 -29.15 16.56
N ILE A 35 -14.04 -29.19 16.43
CA ILE A 35 -13.34 -28.14 15.70
C ILE A 35 -13.80 -28.12 14.24
N ILE A 36 -13.90 -29.30 13.62
CA ILE A 36 -14.36 -29.40 12.24
C ILE A 36 -15.77 -28.82 12.10
N GLU A 37 -16.65 -29.16 13.05
CA GLU A 37 -18.03 -28.69 12.96
C GLU A 37 -18.12 -27.19 13.14
N LEU A 38 -17.31 -26.62 14.04
CA LEU A 38 -17.29 -25.18 14.23
C LEU A 38 -16.68 -24.47 13.02
N ILE A 39 -15.78 -25.14 12.29
CA ILE A 39 -15.30 -24.59 11.03
C ILE A 39 -16.42 -24.57 10.00
N LYS A 40 -17.18 -25.67 9.92
CA LYS A 40 -18.26 -25.74 8.93
C LYS A 40 -19.33 -24.69 9.17
N SER A 41 -19.63 -24.39 10.44
CA SER A 41 -20.67 -23.43 10.77
C SER A 41 -20.23 -21.99 10.58
N GLY A 42 -18.98 -21.74 10.22
CA GLY A 42 -18.49 -20.39 10.03
C GLY A 42 -18.01 -19.70 11.28
N HIS A 43 -17.97 -20.39 12.42
CA HIS A 43 -17.47 -19.79 13.65
C HIS A 43 -15.94 -19.82 13.73
N MET A 44 -15.29 -20.63 12.89
CA MET A 44 -13.84 -20.74 12.92
C MET A 44 -13.29 -20.75 11.50
N ARG A 45 -12.14 -20.12 11.32
CA ARG A 45 -11.46 -20.09 10.04
C ARG A 45 -10.04 -20.63 10.20
N LEU A 46 -9.38 -20.81 9.06
CA LEU A 46 -8.10 -21.51 9.01
C LEU A 46 -7.19 -20.84 7.99
N ARG A 47 -5.91 -20.73 8.35
CA ARG A 47 -4.88 -20.27 7.42
C ARG A 47 -3.56 -20.89 7.83
N GLU A 48 -3.02 -21.76 6.98
CA GLU A 48 -1.70 -22.37 7.17
C GLU A 48 -1.62 -23.13 8.50
N GLY A 49 -2.46 -24.16 8.61
CA GLY A 49 -2.39 -25.07 9.73
C GLY A 49 -2.71 -24.47 11.09
N ILE A 50 -3.40 -23.33 11.12
CA ILE A 50 -3.75 -22.66 12.36
C ILE A 50 -5.21 -22.27 12.32
N VAL A 51 -5.98 -22.76 13.29
CA VAL A 51 -7.41 -22.47 13.40
C VAL A 51 -7.59 -21.29 14.34
N TYR A 52 -8.54 -20.43 14.02
CA TYR A 52 -8.81 -19.26 14.84
C TYR A 52 -10.29 -18.92 14.77
N TRP A 53 -10.74 -18.08 15.71
CA TRP A 53 -12.12 -17.64 15.71
C TRP A 53 -12.36 -16.62 14.61
N SER A 54 -13.50 -16.74 13.93
CA SER A 54 -13.89 -15.74 12.96
C SER A 54 -14.24 -14.43 13.67
N LYS A 55 -14.19 -13.34 12.90
CA LYS A 55 -14.47 -12.02 13.45
C LYS A 55 -15.90 -11.94 13.95
N GLY A 56 -16.06 -11.60 15.23
CA GLY A 56 -17.37 -11.49 15.83
C GLY A 56 -18.09 -12.79 16.08
N LYS A 57 -17.37 -13.91 16.08
CA LYS A 57 -17.97 -15.22 16.29
C LYS A 57 -17.41 -15.95 17.50
N LYS A 58 -16.53 -15.30 18.28
CA LYS A 58 -15.93 -15.96 19.43
C LYS A 58 -16.98 -16.20 20.50
N LEU A 59 -16.89 -17.35 21.16
CA LEU A 59 -17.88 -17.76 22.15
C LEU A 59 -17.35 -17.60 23.58
N ASP A 61 -15.17 -15.33 25.53
CA ASP A 61 -14.31 -14.60 26.46
C ASP A 61 -12.84 -14.98 26.26
N ALA A 63 -10.30 -12.87 25.70
CA ALA A 63 -9.51 -12.40 24.56
C ALA A 63 -8.80 -13.56 23.86
N GLY A 64 -8.14 -13.25 22.75
CA GLY A 64 -7.43 -14.25 21.99
C GLY A 64 -8.30 -15.00 21.01
N ILE A 66 -6.68 -17.38 18.95
CA ILE A 66 -6.00 -18.64 18.70
C ILE A 66 -6.88 -19.79 19.20
N VAL A 67 -6.95 -20.87 18.43
CA VAL A 67 -7.79 -22.00 18.80
C VAL A 67 -6.92 -23.25 18.98
N LYS A 68 -6.29 -23.70 17.90
CA LYS A 68 -5.47 -24.91 17.95
C LYS A 68 -4.64 -24.99 16.68
N HIS A 69 -3.45 -25.58 16.81
CA HIS A 69 -2.59 -25.83 15.66
C HIS A 69 -2.93 -27.17 15.01
N PRO A 71 -2.12 -30.43 13.65
CA PRO A 71 -1.47 -31.72 13.36
C PRO A 71 -1.24 -31.91 11.86
N PHE A 72 -0.01 -32.24 11.48
CA PHE A 72 0.37 -32.35 10.08
C PHE A 72 0.76 -33.78 9.73
N LYS A 73 0.60 -34.11 8.45
CA LYS A 73 1.02 -35.39 7.90
C LYS A 73 1.61 -35.13 6.52
N GLU A 74 2.43 -36.07 6.06
CA GLU A 74 3.12 -35.91 4.80
C GLU A 74 2.20 -36.15 3.62
N MET A 75 2.45 -35.42 2.53
CA MET A 75 1.79 -35.63 1.26
C MET A 75 2.82 -35.40 0.15
N THR A 76 2.67 -36.14 -0.95
CA THR A 76 3.59 -36.07 -2.07
C THR A 76 2.92 -35.38 -3.24
N VAL A 77 3.65 -34.46 -3.88
CA VAL A 77 3.18 -33.74 -5.06
C VAL A 77 4.32 -33.64 -6.05
N ASP A 78 4.05 -33.92 -7.32
CA ASP A 78 5.07 -33.93 -8.36
C ASP A 78 5.09 -32.55 -9.04
N LEU A 79 6.17 -31.80 -8.83
CA LEU A 79 6.33 -30.49 -9.45
C LEU A 79 7.08 -30.65 -10.76
N SER A 80 6.35 -31.06 -11.79
CA SER A 80 6.91 -31.24 -13.12
C SER A 80 6.60 -30.03 -14.00
N GLY A 82 5.97 -27.36 -16.07
CA GLY A 82 4.74 -26.63 -16.35
C GLY A 82 3.50 -27.39 -15.89
N VAL A 83 3.52 -27.82 -14.64
CA VAL A 83 2.43 -28.60 -14.06
C VAL A 83 1.40 -27.66 -13.46
N ASN A 84 0.12 -27.95 -13.71
CA ASN A 84 -0.95 -27.17 -13.13
C ASN A 84 -0.97 -27.34 -11.61
N VAL A 85 -0.57 -26.30 -10.89
CA VAL A 85 -0.42 -26.37 -9.43
C VAL A 85 -1.75 -26.36 -8.70
N VAL A 86 -2.79 -25.78 -9.30
CA VAL A 86 -4.12 -25.77 -8.69
C VAL A 86 -4.59 -27.19 -8.34
N LEU A 88 -3.02 -30.56 -9.52
CA LEU A 88 -2.13 -31.31 -8.65
C LEU A 88 -2.67 -31.28 -7.22
N ALA A 89 -3.57 -30.34 -6.97
CA ALA A 89 -4.21 -30.18 -5.67
C ALA A 89 -5.60 -30.81 -5.62
N LYS A 90 -6.49 -30.39 -6.53
CA LYS A 90 -7.82 -30.98 -6.64
C LYS A 90 -7.76 -32.50 -6.76
N ALA A 91 -6.73 -33.03 -7.41
CA ALA A 91 -6.60 -34.47 -7.55
C ALA A 91 -6.25 -35.12 -6.21
N SER A 92 -5.42 -34.47 -5.42
CA SER A 92 -5.01 -35.01 -4.12
C SER A 92 -6.15 -34.92 -3.11
N ALA A 94 -9.32 -34.70 -2.08
CA ALA A 94 -10.25 -35.42 -2.96
C ALA A 94 -10.84 -36.63 -2.25
N VAL A 95 -10.55 -36.76 -0.96
CA VAL A 95 -11.06 -37.88 -0.16
C VAL A 95 -11.94 -37.43 0.99
N LYS A 96 -11.99 -36.14 1.30
CA LYS A 96 -12.79 -35.63 2.40
C LYS A 96 -13.10 -34.17 2.13
N GLN A 97 -13.60 -33.47 3.15
CA GLN A 97 -13.97 -32.07 3.00
C GLN A 97 -12.77 -31.19 2.66
N ALA A 103 -14.85 -28.44 -1.10
CA ALA A 103 -13.73 -28.81 -1.96
C ALA A 103 -12.71 -27.68 -2.04
N GLY A 104 -13.22 -26.45 -2.21
CA GLY A 104 -12.34 -25.29 -2.31
C GLY A 104 -11.49 -25.09 -1.07
N LEU A 105 -11.99 -25.49 0.10
CA LEU A 105 -11.23 -25.35 1.34
C LEU A 105 -9.94 -26.16 1.28
N SER A 106 -10.06 -27.49 1.08
CA SER A 106 -8.87 -28.34 1.04
C SER A 106 -8.01 -28.03 -0.18
N THR A 107 -8.63 -27.64 -1.29
CA THR A 107 -7.86 -27.24 -2.46
C THR A 107 -6.96 -26.05 -2.15
N GLY A 108 -7.52 -25.03 -1.49
CA GLY A 108 -6.72 -23.88 -1.10
C GLY A 108 -5.66 -24.23 -0.06
N ILE A 109 -5.99 -25.18 0.82
CA ILE A 109 -5.01 -25.65 1.80
C ILE A 109 -3.78 -26.22 1.10
N ILE A 110 -3.99 -27.14 0.15
CA ILE A 110 -2.85 -27.75 -0.53
C ILE A 110 -2.12 -26.74 -1.41
N LEU A 111 -2.87 -25.84 -2.08
CA LEU A 111 -2.23 -24.81 -2.88
C LEU A 111 -1.32 -23.93 -2.01
N GLY A 112 -1.81 -23.50 -0.85
CA GLY A 112 -1.00 -22.69 0.03
C GLY A 112 0.19 -23.43 0.58
N ALA A 113 0.03 -24.72 0.87
CA ALA A 113 1.16 -25.53 1.32
C ALA A 113 2.23 -25.62 0.25
N ILE A 114 1.81 -25.78 -1.01
CA ILE A 114 2.76 -25.81 -2.13
C ILE A 114 3.50 -24.47 -2.23
N VAL A 115 2.76 -23.37 -2.09
CA VAL A 115 3.38 -22.05 -2.23
C VAL A 115 4.38 -21.81 -1.09
N ILE A 116 4.03 -22.20 0.13
CA ILE A 116 4.84 -21.83 1.29
C ILE A 116 6.04 -22.77 1.44
N GLN A 117 5.86 -24.06 1.17
CA GLN A 117 6.89 -25.04 1.53
C GLN A 117 7.82 -25.40 0.38
N THR A 118 7.35 -25.42 -0.87
CA THR A 118 8.15 -25.91 -1.97
C THR A 118 8.94 -24.79 -2.63
N VAL A 119 9.75 -25.16 -3.62
CA VAL A 119 10.57 -24.22 -4.38
C VAL A 119 9.80 -23.72 -5.59
N TYR A 120 8.47 -23.91 -5.57
CA TYR A 120 7.64 -23.52 -6.70
C TYR A 120 7.78 -22.03 -7.01
N LEU A 121 7.73 -21.18 -5.98
CA LEU A 121 7.84 -19.74 -6.20
C LEU A 121 9.28 -19.31 -6.48
N SER A 122 10.26 -20.05 -5.94
CA SER A 122 11.66 -19.69 -6.16
C SER A 122 12.02 -19.74 -7.65
N LYS A 123 11.51 -20.75 -8.36
CA LYS A 123 11.81 -20.85 -9.79
C LYS A 123 11.20 -19.69 -10.56
N LYS A 124 9.99 -19.28 -10.20
CA LYS A 124 9.36 -18.14 -10.86
C LYS A 124 10.11 -16.85 -10.56
N LEU A 125 10.61 -16.70 -9.32
CA LEU A 125 11.40 -15.52 -8.99
C LEU A 125 12.70 -15.47 -9.78
N GLU A 126 13.37 -16.61 -9.91
CA GLU A 126 14.60 -16.65 -10.70
C GLU A 126 14.33 -16.39 -12.17
N LYS A 127 13.18 -16.86 -12.68
CA LYS A 127 12.80 -16.56 -14.06
C LYS A 127 12.56 -15.06 -14.24
N ILE A 128 11.93 -14.42 -13.26
CA ILE A 128 11.72 -12.98 -13.33
C ILE A 128 13.05 -12.23 -13.32
N GLN A 129 13.99 -12.68 -12.48
CA GLN A 129 15.30 -12.04 -12.47
C GLN A 129 16.02 -12.21 -13.80
N ALA A 130 15.86 -13.38 -14.44
CA ALA A 130 16.42 -13.58 -15.77
C ALA A 130 15.79 -12.63 -16.78
N SER A 131 14.47 -12.45 -16.72
CA SER A 131 13.81 -11.50 -17.61
C SER A 131 14.32 -10.08 -17.38
N ILE A 132 14.56 -9.72 -16.12
CA ILE A 132 15.14 -8.40 -15.82
C ILE A 132 16.52 -8.28 -16.46
N ASP A 133 17.35 -9.30 -16.30
CA ASP A 133 18.69 -9.30 -16.88
C ASP A 133 18.62 -9.10 -18.39
N LYS A 134 17.66 -9.75 -19.05
CA LYS A 134 17.54 -9.64 -20.50
C LYS A 134 16.98 -8.29 -20.91
N ILE A 135 16.03 -7.75 -20.16
CA ILE A 135 15.41 -6.48 -20.51
C ILE A 135 16.38 -5.32 -20.31
N ALA A 136 17.28 -5.43 -19.32
CA ALA A 136 18.19 -4.33 -19.04
C ALA A 136 19.08 -3.99 -20.23
N VAL A 137 19.36 -4.96 -21.11
CA VAL A 137 20.18 -4.70 -22.29
C VAL A 137 19.36 -4.53 -23.55
N GLU A 138 18.03 -4.50 -23.45
CA GLU A 138 17.16 -4.32 -24.61
C GLU A 138 16.36 -3.04 -24.53
N ILE A 139 16.76 -2.11 -23.67
CA ILE A 139 16.05 -0.85 -23.50
C ILE A 139 17.01 0.31 -23.76
N GLN A 140 16.49 1.53 -23.68
CA GLN A 140 17.32 2.72 -23.64
C GLN A 140 17.74 2.96 -22.20
N THR A 141 19.02 3.26 -21.98
CA THR A 141 19.53 3.43 -20.63
C THR A 141 18.83 4.57 -19.90
N GLN A 142 18.35 5.58 -20.61
CA GLN A 142 17.62 6.67 -20.00
C GLN A 142 16.16 6.35 -19.77
N ASN A 143 15.63 5.28 -20.36
CA ASN A 143 14.27 4.87 -20.13
C ASN A 143 14.13 3.78 -19.07
N GLN A 144 15.22 3.08 -18.74
CA GLN A 144 15.18 2.13 -17.63
C GLN A 144 14.96 2.85 -16.31
N LEU A 145 15.59 4.00 -16.13
CA LEU A 145 15.51 4.78 -14.89
C LEU A 145 15.88 3.92 -13.69
N PHE A 146 14.91 3.62 -12.83
CA PHE A 146 15.18 2.90 -11.60
C PHE A 146 14.19 1.76 -11.33
N TYR A 147 13.38 1.38 -12.32
CA TYR A 147 12.30 0.44 -12.05
C TYR A 147 12.78 -1.00 -11.98
N LEU A 148 13.77 -1.37 -12.81
CA LEU A 148 14.31 -2.73 -12.73
C LEU A 148 15.03 -2.94 -11.40
N GLU A 149 15.66 -1.90 -10.88
CA GLU A 149 16.26 -1.98 -9.55
C GLU A 149 15.21 -2.26 -8.48
N LYS A 150 14.07 -1.57 -8.55
CA LYS A 150 13.01 -1.78 -7.58
C LYS A 150 12.42 -3.19 -7.71
N LEU A 151 12.25 -3.67 -8.94
CA LEU A 151 11.77 -5.05 -9.12
C LEU A 151 12.74 -6.04 -8.50
N SER A 152 14.04 -5.88 -8.76
CA SER A 152 15.02 -6.80 -8.20
C SER A 152 15.02 -6.76 -6.67
N SER A 153 14.92 -5.56 -6.10
CA SER A 153 14.83 -5.44 -4.65
C SER A 153 13.61 -6.16 -4.10
N TYR A 154 12.47 -6.02 -4.79
CA TYR A 154 11.25 -6.68 -4.33
C TYR A 154 11.40 -8.20 -4.40
N ILE A 155 12.00 -8.70 -5.48
CA ILE A 155 12.24 -10.14 -5.61
C ILE A 155 13.15 -10.62 -4.47
N GLY A 156 14.17 -9.83 -4.15
CA GLY A 156 15.04 -10.19 -3.04
C GLY A 156 14.28 -10.24 -1.72
N SER A 157 13.38 -9.28 -1.51
CA SER A 157 12.57 -9.29 -0.28
C SER A 157 11.68 -10.53 -0.22
N VAL A 158 11.08 -10.91 -1.35
CA VAL A 158 10.20 -12.07 -1.36
C VAL A 158 11.00 -13.35 -1.12
N MET A 159 12.20 -13.45 -1.72
CA MET A 159 13.08 -14.58 -1.46
C MET A 159 13.45 -14.66 0.02
N ALA A 160 13.84 -13.52 0.59
CA ALA A 160 14.21 -13.52 2.00
C ALA A 160 13.02 -13.90 2.88
N ALA A 161 11.82 -13.47 2.51
CA ALA A 161 10.63 -13.82 3.29
C ALA A 161 10.33 -15.31 3.21
N HIS A 162 10.47 -15.89 2.01
CA HIS A 162 10.28 -17.33 1.87
C HIS A 162 11.32 -18.09 2.68
N GLU A 163 12.57 -17.64 2.63
CA GLU A 163 13.64 -18.23 3.44
C GLU A 163 13.30 -18.17 4.92
N LEU A 164 12.87 -17.00 5.40
CA LEU A 164 12.49 -16.85 6.79
C LEU A 164 11.31 -17.76 7.15
N LEU A 165 10.39 -17.96 6.21
CA LEU A 165 9.35 -18.95 6.43
C LEU A 165 9.93 -20.35 6.56
N GLY A 166 11.05 -20.61 5.87
CA GLY A 166 11.68 -21.92 5.97
C GLY A 166 12.24 -22.19 7.35
N ILE A 167 12.89 -21.19 7.95
CA ILE A 167 13.36 -21.32 9.32
C ILE A 167 12.19 -20.95 10.25
N TYR A 168 11.79 -21.89 11.10
CA TYR A 168 10.58 -21.63 11.85
C TYR A 168 10.57 -22.51 13.09
N GLN A 169 10.38 -21.87 14.24
CA GLN A 169 10.24 -22.54 15.53
C GLN A 169 8.89 -22.14 16.10
N GLU A 170 7.96 -23.11 16.14
CA GLU A 170 6.60 -22.79 16.56
C GLU A 170 6.56 -22.25 17.98
N HIS A 171 7.41 -22.78 18.87
CA HIS A 171 7.45 -22.34 20.25
C HIS A 171 8.42 -21.19 20.49
N ASP A 172 8.74 -20.42 19.44
CA ASP A 172 9.61 -19.26 19.60
C ASP A 172 9.34 -18.23 18.51
N PRO A 173 8.30 -17.39 18.65
CA PRO A 173 7.99 -16.41 17.61
C PRO A 173 9.07 -15.36 17.51
N ILE A 174 9.17 -14.75 16.33
CA ILE A 174 10.16 -13.70 16.08
C ILE A 174 9.48 -12.44 15.57
N PRO A 175 8.67 -11.76 16.39
CA PRO A 175 7.98 -10.56 15.91
C PRO A 175 8.93 -9.44 15.56
N GLU A 176 10.04 -9.30 16.28
CA GLU A 176 11.01 -8.24 16.02
C GLU A 176 11.71 -8.39 14.68
N ILE A 177 11.50 -9.50 13.98
CA ILE A 177 12.02 -9.69 12.64
C ILE A 177 10.91 -9.74 11.60
N VAL A 178 9.80 -10.41 11.91
CA VAL A 178 8.70 -10.50 10.97
C VAL A 178 8.03 -9.14 10.77
N GLY A 179 8.05 -8.27 11.78
CA GLY A 179 7.48 -6.96 11.67
C GLY A 179 8.09 -6.11 10.56
N PRO A 180 9.39 -5.82 10.67
CA PRO A 180 10.05 -5.03 9.62
C PRO A 180 10.00 -5.67 8.24
N LEU A 181 10.04 -7.00 8.18
CA LEU A 181 9.91 -7.69 6.89
C LEU A 181 8.56 -7.41 6.27
N LEU A 182 7.49 -7.52 7.05
CA LEU A 182 6.16 -7.18 6.56
C LEU A 182 6.09 -5.73 6.11
N VAL A 183 6.79 -4.84 6.83
CA VAL A 183 6.88 -3.44 6.43
C VAL A 183 7.42 -3.33 5.01
N THR A 184 8.66 -3.80 4.80
CA THR A 184 9.30 -3.67 3.49
C THR A 184 8.46 -4.31 2.40
N LEU A 185 7.87 -5.48 2.68
CA LEU A 185 7.04 -6.14 1.68
C LEU A 185 5.84 -5.27 1.30
N ALA A 186 5.21 -4.64 2.29
CA ALA A 186 4.05 -3.80 2.01
C ALA A 186 4.43 -2.57 1.20
N GLN A 187 5.52 -1.90 1.60
CA GLN A 187 5.98 -0.73 0.86
C GLN A 187 6.23 -1.08 -0.60
N GLN A 188 7.02 -2.14 -0.84
CA GLN A 188 7.42 -2.46 -2.20
C GLN A 188 6.24 -2.92 -3.03
N ARG A 189 5.32 -3.71 -2.44
CA ARG A 189 4.15 -4.12 -3.20
C ARG A 189 3.29 -2.93 -3.58
N ASN A 190 3.05 -2.01 -2.64
CA ASN A 190 2.23 -0.84 -2.95
C ASN A 190 2.88 0.01 -4.03
N GLU A 191 4.20 0.19 -3.97
CA GLU A 191 4.89 0.99 -5.00
C GLU A 191 4.78 0.31 -6.37
N LEU A 192 5.06 -1.00 -6.41
CA LEU A 192 4.97 -1.75 -7.65
C LEU A 192 3.59 -1.62 -8.27
N CYS A 193 2.54 -1.66 -7.45
CA CYS A 193 1.19 -1.46 -7.97
C CYS A 193 1.04 -0.10 -8.64
N THR A 194 1.79 0.90 -8.19
CA THR A 194 1.64 2.23 -8.79
C THR A 194 2.48 2.42 -10.05
N PHE A 195 3.57 1.69 -10.23
CA PHE A 195 4.39 1.94 -11.42
C PHE A 195 4.44 0.79 -12.42
N LEU A 196 3.69 -0.30 -12.22
CA LEU A 196 3.88 -1.48 -13.06
C LEU A 196 3.39 -1.26 -14.48
N MET A 197 2.13 -0.79 -14.63
CA MET A 197 1.58 -0.62 -15.97
C MET A 197 2.36 0.41 -16.79
N LYS A 198 2.99 1.38 -16.13
CA LYS A 198 3.81 2.36 -16.82
C LYS A 198 4.86 1.70 -17.70
N LEU A 199 5.32 0.51 -17.29
CA LEU A 199 6.39 -0.18 -18.00
C LEU A 199 5.99 -0.59 -19.41
N ILE A 200 4.69 -0.56 -19.74
CA ILE A 200 4.30 -0.87 -21.12
C ILE A 200 4.95 0.12 -22.10
N GLY A 201 5.30 1.31 -21.61
CA GLY A 201 5.97 2.28 -22.47
C GLY A 201 7.24 1.72 -23.08
N TRP A 202 7.92 0.81 -22.38
CA TRP A 202 9.13 0.19 -22.88
C TRP A 202 8.93 -0.52 -24.23
N ILE A 203 7.69 -0.71 -24.66
CA ILE A 203 7.45 -1.31 -25.97
C ILE A 203 7.91 -0.38 -27.08
N GLU A 204 7.68 0.92 -26.92
CA GLU A 204 8.12 1.90 -27.90
C GLU A 204 9.52 2.45 -27.61
N GLN A 205 10.26 1.83 -26.69
CA GLN A 205 11.55 2.34 -26.26
C GLN A 205 12.63 1.28 -26.39
N GLY A 206 12.59 0.51 -27.48
CA GLY A 206 13.62 -0.46 -27.73
C GLY A 206 14.94 0.18 -28.13
N ASN A 207 15.98 -0.65 -28.18
CA ASN A 207 17.32 -0.17 -28.51
C ASN A 207 17.64 -0.41 -29.99
N GLU A 218 8.98 -8.89 -31.37
CA GLU A 218 9.69 -9.70 -30.38
C GLU A 218 9.93 -8.89 -29.11
N HIS A 219 10.17 -7.58 -29.28
CA HIS A 219 10.40 -6.70 -28.13
C HIS A 219 9.13 -6.52 -27.31
N ALA A 220 8.01 -6.23 -27.99
CA ALA A 220 6.74 -6.11 -27.29
C ALA A 220 6.39 -7.40 -26.58
N ALA A 221 6.67 -8.55 -27.20
CA ALA A 221 6.41 -9.82 -26.55
C ALA A 221 7.25 -9.97 -25.29
N LEU A 222 8.51 -9.53 -25.34
CA LEU A 222 9.37 -9.57 -24.17
C LEU A 222 8.78 -8.76 -23.01
N ILE A 223 8.39 -7.51 -23.30
CA ILE A 223 7.88 -6.63 -22.26
C ILE A 223 6.57 -7.17 -21.68
N ILE A 224 5.66 -7.59 -22.57
CA ILE A 224 4.36 -8.11 -22.14
C ILE A 224 4.54 -9.35 -21.28
N ASP A 225 5.42 -10.26 -21.71
CA ASP A 225 5.68 -11.47 -20.93
C ASP A 225 6.23 -11.14 -19.55
N PHE A 226 7.15 -10.18 -19.48
CA PHE A 226 7.72 -9.77 -18.21
C PHE A 226 6.65 -9.24 -17.26
N ILE A 227 5.81 -8.34 -17.77
CA ILE A 227 4.76 -7.74 -16.92
C ILE A 227 3.78 -8.80 -16.47
N THR A 228 3.37 -9.70 -17.38
CA THR A 228 2.44 -10.76 -17.04
C THR A 228 3.01 -11.65 -15.93
N HIS A 229 4.29 -12.00 -16.02
CA HIS A 229 4.88 -12.88 -15.02
C HIS A 229 5.01 -12.19 -13.67
N VAL A 230 5.38 -10.90 -13.67
CA VAL A 230 5.42 -10.14 -12.41
C VAL A 230 4.05 -10.12 -11.75
N LEU A 231 3.02 -9.82 -12.54
CA LEU A 231 1.65 -9.80 -12.02
C LEU A 231 1.24 -11.17 -11.50
N ASP A 232 1.64 -12.23 -12.20
CA ASP A 232 1.28 -13.58 -11.76
C ASP A 232 2.00 -13.95 -10.47
N MET A 233 3.19 -13.38 -10.24
CA MET A 233 3.91 -13.64 -9.00
C MET A 233 3.26 -12.93 -7.80
N MET A 234 2.77 -11.70 -8.01
CA MET A 234 2.33 -10.88 -6.89
C MET A 234 1.35 -11.54 -5.91
N PRO A 235 0.32 -12.30 -6.34
CA PRO A 235 -0.57 -12.92 -5.35
C PRO A 235 0.14 -13.93 -4.46
N LYS A 236 1.17 -14.60 -4.95
CA LYS A 236 1.96 -15.48 -4.08
C LYS A 236 2.65 -14.67 -3.00
N ALA A 237 3.20 -13.51 -3.34
CA ALA A 237 3.81 -12.65 -2.33
C ALA A 237 2.78 -12.16 -1.33
N ILE A 238 1.57 -11.84 -1.79
CA ILE A 238 0.51 -11.46 -0.86
C ILE A 238 0.20 -12.61 0.10
N TYR A 239 0.13 -13.84 -0.42
CA TYR A 239 -0.11 -14.99 0.43
C TYR A 239 1.03 -15.20 1.44
N ILE A 240 2.26 -14.88 1.03
CA ILE A 240 3.38 -14.96 1.97
C ILE A 240 3.22 -13.92 3.07
N GLU A 241 2.78 -12.71 2.71
CA GLU A 241 2.51 -11.69 3.73
C GLU A 241 1.45 -12.18 4.72
N SER A 242 0.39 -12.83 4.21
CA SER A 242 -0.66 -13.32 5.09
C SER A 242 -0.13 -14.42 6.01
N THR A 243 0.70 -15.31 5.47
CA THR A 243 1.29 -16.34 6.31
C THR A 243 2.16 -15.74 7.40
N LEU A 244 2.99 -14.75 7.05
CA LEU A 244 3.81 -14.09 8.06
C LEU A 244 2.94 -13.45 9.14
N TYR A 245 1.84 -12.79 8.74
CA TYR A 245 0.91 -12.25 9.74
C TYR A 245 0.36 -13.35 10.64
N THR A 246 0.06 -14.51 10.06
CA THR A 246 -0.48 -15.62 10.85
C THR A 246 0.57 -16.14 11.84
N ARG A 247 1.83 -16.23 11.41
CA ARG A 247 2.90 -16.71 12.29
C ARG A 247 3.02 -15.84 13.53
N LEU A 248 2.72 -14.54 13.41
CA LEU A 248 2.74 -13.65 14.57
C LEU A 248 1.46 -13.71 15.40
N GLY A 249 0.50 -14.54 15.01
CA GLY A 249 -0.75 -14.61 15.74
C GLY A 249 -1.77 -13.55 15.36
N HIS A 250 -1.61 -12.90 14.21
CA HIS A 250 -2.52 -11.84 13.77
C HIS A 250 -3.28 -12.35 12.55
N TYR A 251 -4.22 -13.26 12.81
CA TYR A 251 -4.97 -13.94 11.75
C TYR A 251 -5.96 -13.02 11.06
N HIS A 252 -6.69 -12.21 11.83
CA HIS A 252 -7.63 -11.27 11.23
C HIS A 252 -6.89 -10.20 10.43
N HIS A 253 -5.74 -9.76 10.93
CA HIS A 253 -4.85 -8.92 10.14
C HIS A 253 -4.54 -9.56 8.80
N ALA A 254 -4.25 -10.88 8.81
CA ALA A 254 -3.90 -11.58 7.58
C ALA A 254 -5.07 -11.59 6.60
N ASP A 255 -6.28 -11.87 7.09
CA ASP A 255 -7.45 -11.88 6.22
C ASP A 255 -7.69 -10.49 5.61
N THR A 256 -7.67 -9.46 6.44
CA THR A 256 -7.93 -8.10 5.93
C THR A 256 -6.84 -7.66 4.97
N LEU A 257 -5.59 -8.03 5.26
CA LEU A 257 -4.48 -7.68 4.36
C LEU A 257 -4.67 -8.36 3.01
N VAL A 258 -5.02 -9.64 3.00
CA VAL A 258 -5.30 -10.31 1.74
C VAL A 258 -6.38 -9.57 0.97
N GLU A 259 -7.45 -9.16 1.66
CA GLU A 259 -8.54 -8.46 0.98
C GLU A 259 -8.05 -7.17 0.32
N THR A 260 -7.38 -6.30 1.09
CA THR A 260 -7.03 -4.98 0.56
C THR A 260 -5.93 -5.07 -0.50
N ALA A 261 -4.91 -5.89 -0.25
CA ALA A 261 -3.85 -6.08 -1.23
C ALA A 261 -4.38 -6.70 -2.51
N GLY A 262 -5.28 -7.68 -2.39
CA GLY A 262 -5.90 -8.26 -3.56
C GLY A 262 -6.76 -7.27 -4.32
N ALA A 263 -7.39 -6.33 -3.61
CA ALA A 263 -8.14 -5.29 -4.28
C ALA A 263 -7.23 -4.42 -5.15
N LYS A 264 -6.11 -3.96 -4.58
CA LYS A 264 -5.19 -3.15 -5.38
C LYS A 264 -4.63 -3.94 -6.56
N TYR A 265 -4.29 -5.22 -6.33
CA TYR A 265 -3.77 -6.06 -7.41
C TYR A 265 -4.80 -6.24 -8.51
N THR A 266 -6.08 -6.41 -8.15
CA THR A 266 -7.14 -6.55 -9.14
C THR A 266 -7.31 -5.27 -9.94
N ALA A 267 -7.17 -4.10 -9.29
CA ALA A 267 -7.22 -2.85 -10.04
C ALA A 267 -6.11 -2.76 -11.07
N VAL A 268 -4.90 -3.19 -10.70
CA VAL A 268 -3.80 -3.22 -11.67
C VAL A 268 -4.11 -4.19 -12.80
N LEU A 269 -4.67 -5.36 -12.47
CA LEU A 269 -5.05 -6.32 -13.50
C LEU A 269 -6.07 -5.74 -14.48
N GLN A 270 -7.03 -4.97 -13.96
CA GLN A 270 -8.06 -4.38 -14.83
C GLN A 270 -7.46 -3.32 -15.73
N ALA A 271 -6.49 -2.55 -15.22
CA ALA A 271 -5.75 -1.64 -16.10
C ALA A 271 -5.01 -2.40 -17.20
N TYR A 272 -4.35 -3.50 -16.82
CA TYR A 272 -3.68 -4.35 -17.81
C TYR A 272 -4.65 -4.84 -18.87
N ARG A 273 -5.85 -5.27 -18.45
CA ARG A 273 -6.86 -5.75 -19.37
C ARG A 273 -7.31 -4.65 -20.34
N GLY A 274 -7.52 -3.45 -19.81
CA GLY A 274 -7.89 -2.35 -20.68
C GLY A 274 -6.82 -2.03 -21.70
N TRP A 275 -5.55 -2.02 -21.27
CA TRP A 275 -4.46 -1.78 -22.21
C TRP A 275 -4.42 -2.84 -23.29
N ALA A 276 -4.56 -4.12 -22.90
CA ALA A 276 -4.55 -5.19 -23.88
C ALA A 276 -5.69 -5.03 -24.88
N ARG A 277 -6.88 -4.68 -24.39
CA ARG A 277 -8.02 -4.46 -25.28
C ARG A 277 -7.73 -3.36 -26.29
N ASP A 278 -7.09 -2.27 -25.85
CA ASP A 278 -6.85 -1.15 -26.74
C ASP A 278 -5.58 -1.28 -27.58
N SER A 279 -4.73 -2.29 -27.31
CA SER A 279 -3.48 -2.43 -28.05
C SER A 279 -3.38 -3.70 -28.89
N TYR A 280 -4.31 -4.64 -28.75
CA TYR A 280 -4.25 -5.89 -29.50
C TYR A 280 -4.07 -5.66 -30.99
N ASP A 281 -4.92 -4.81 -31.58
CA ASP A 281 -4.90 -4.64 -33.03
C ASP A 281 -3.65 -3.87 -33.48
N ASN A 282 -3.33 -2.78 -32.80
CA ASN A 282 -2.17 -1.97 -33.19
C ASN A 282 -0.88 -2.76 -33.06
N LEU A 283 -0.82 -3.75 -32.16
CA LEU A 283 0.41 -4.53 -32.03
C LEU A 283 0.48 -5.68 -33.03
N LEU A 284 -0.66 -6.30 -33.34
CA LEU A 284 -0.69 -7.44 -34.25
C LEU A 284 -0.98 -7.05 -35.70
N THR A 285 -0.81 -5.77 -36.04
CA THR A 285 -1.00 -5.32 -37.41
C THR A 285 -0.12 -4.09 -37.62
N GLY A 286 0.77 -4.15 -38.60
CA GLY A 286 1.70 -3.06 -38.85
C GLY A 286 2.70 -2.89 -37.74
N SER A 287 3.32 -4.00 -37.32
CA SER A 287 4.32 -3.96 -36.26
C SER A 287 5.19 -5.22 -36.31
N ASN A 293 4.39 -12.80 -34.99
CA ASN A 293 2.94 -12.73 -34.99
C ASN A 293 2.36 -13.77 -34.04
N ARG A 294 2.89 -15.00 -34.13
CA ARG A 294 2.42 -16.08 -33.26
C ARG A 294 2.83 -15.84 -31.81
N LEU A 295 4.05 -15.33 -31.60
CA LEU A 295 4.56 -15.12 -30.25
C LEU A 295 3.75 -14.06 -29.50
N LEU A 296 3.45 -12.94 -30.16
CA LEU A 296 2.68 -11.88 -29.51
C LEU A 296 1.27 -12.35 -29.19
N THR A 297 0.69 -13.17 -30.07
CA THR A 297 -0.63 -13.72 -29.81
C THR A 297 -0.59 -14.67 -28.60
N ASN A 298 0.47 -15.47 -28.49
CA ASN A 298 0.62 -16.32 -27.31
C ASN A 298 0.75 -15.47 -26.04
N LYS A 299 1.44 -14.32 -26.14
CA LYS A 299 1.58 -13.47 -24.97
C LYS A 299 0.25 -12.83 -24.56
N PHE A 300 -0.57 -12.45 -25.55
CA PHE A 300 -1.89 -11.92 -25.22
C PHE A 300 -2.80 -13.00 -24.64
N ASN A 301 -2.68 -14.24 -25.13
CA ASN A 301 -3.39 -15.34 -24.52
C ASN A 301 -2.92 -15.56 -23.08
N ASP A 302 -1.62 -15.37 -22.82
CA ASP A 302 -1.11 -15.45 -21.46
C ASP A 302 -1.71 -14.36 -20.58
N ILE A 303 -1.90 -13.16 -21.14
CA ILE A 303 -2.60 -12.10 -20.41
C ILE A 303 -4.00 -12.57 -20.01
N LYS A 304 -4.73 -13.14 -20.98
CA LYS A 304 -6.08 -13.60 -20.67
C LYS A 304 -6.08 -14.69 -19.61
N SER A 305 -5.09 -15.59 -19.66
CA SER A 305 -5.01 -16.64 -18.64
C SER A 305 -4.68 -16.06 -17.27
N LEU A 306 -3.85 -15.02 -17.22
CA LEU A 306 -3.58 -14.34 -15.96
C LEU A 306 -4.84 -13.71 -15.41
N LEU A 307 -5.67 -13.13 -16.27
CA LEU A 307 -6.90 -12.50 -15.80
C LEU A 307 -7.90 -13.51 -15.26
N ASN A 308 -7.82 -14.76 -15.71
CA ASN A 308 -8.74 -15.81 -15.25
C ASN A 308 -8.02 -16.87 -14.43
N SER A 309 -6.98 -16.48 -13.70
CA SER A 309 -6.19 -17.42 -12.92
C SER A 309 -6.98 -17.90 -11.71
N LEU A 310 -7.38 -19.17 -11.73
CA LEU A 310 -8.01 -19.76 -10.55
C LEU A 310 -7.02 -19.87 -9.39
N GLU A 311 -5.74 -20.08 -9.70
CA GLU A 311 -4.70 -20.13 -8.68
C GLU A 311 -4.67 -18.83 -7.87
N ASN A 312 -4.52 -17.70 -8.57
CA ASN A 312 -4.47 -16.41 -7.89
C ASN A 312 -5.79 -16.08 -7.21
N LYS A 313 -6.92 -16.53 -7.77
CA LYS A 313 -8.21 -16.30 -7.11
C LYS A 313 -8.28 -17.05 -5.78
N ILE A 314 -7.79 -18.29 -5.75
CA ILE A 314 -7.80 -19.05 -4.50
C ILE A 314 -6.84 -18.43 -3.49
N LEU A 315 -5.65 -18.02 -3.95
CA LEU A 315 -4.68 -17.43 -3.04
C LEU A 315 -5.17 -16.12 -2.44
N LEU A 316 -6.00 -15.38 -3.18
CA LEU A 316 -6.50 -14.09 -2.73
C LEU A 316 -7.88 -14.18 -2.08
N GLY A 317 -8.34 -15.38 -1.74
CA GLY A 317 -9.63 -15.54 -1.11
C GLY A 317 -10.79 -15.27 -2.06
N THR B 19 -18.11 6.88 -6.97
CA THR B 19 -18.00 8.29 -6.59
C THR B 19 -18.56 8.53 -5.18
N ILE B 20 -19.52 7.72 -4.78
CA ILE B 20 -20.09 7.80 -3.44
C ILE B 20 -19.28 6.91 -2.51
N LYS B 21 -18.76 7.50 -1.43
CA LYS B 21 -17.96 6.78 -0.44
C LYS B 21 -18.59 6.92 0.93
N THR B 22 -18.33 5.95 1.79
CA THR B 22 -18.83 5.95 3.17
C THR B 22 -17.66 5.92 4.13
N ILE B 23 -17.64 6.88 5.06
CA ILE B 23 -16.57 7.01 6.04
C ILE B 23 -17.17 6.87 7.44
N MET B 24 -16.29 6.65 8.41
CA MET B 24 -16.66 6.56 9.81
C MET B 24 -16.31 7.87 10.50
N VAL B 25 -17.30 8.48 11.15
CA VAL B 25 -17.08 9.74 11.85
C VAL B 25 -17.57 9.60 13.28
N PRO B 26 -17.02 10.35 14.24
CA PRO B 26 -17.49 10.22 15.63
C PRO B 26 -18.98 10.51 15.75
N ASP B 27 -19.67 9.63 16.46
CA ASP B 27 -21.10 9.76 16.73
C ASP B 27 -21.25 10.39 18.10
N TRP B 28 -21.36 11.72 18.12
CA TRP B 28 -21.40 12.45 19.38
C TRP B 28 -22.67 12.22 20.18
N ASP B 29 -23.72 11.66 19.58
CA ASP B 29 -24.91 11.30 20.35
C ASP B 29 -24.66 10.11 21.28
N LYS B 30 -23.55 9.39 21.10
CA LYS B 30 -23.18 8.28 21.98
C LYS B 30 -21.99 8.63 22.86
N VAL B 31 -21.70 9.92 23.03
CA VAL B 31 -20.58 10.39 23.84
C VAL B 31 -21.14 11.10 25.06
N ASP B 32 -20.61 10.75 26.23
CA ASP B 32 -21.05 11.39 27.46
C ASP B 32 -20.74 12.89 27.40
N PRO B 33 -21.68 13.76 27.82
CA PRO B 33 -21.45 15.20 27.69
C PRO B 33 -20.29 15.71 28.51
N GLU B 34 -19.88 15.00 29.56
CA GLU B 34 -18.72 15.44 30.35
C GLU B 34 -17.44 15.35 29.53
N ILE B 35 -17.31 14.32 28.70
CA ILE B 35 -16.17 14.21 27.80
C ILE B 35 -16.15 15.39 26.84
N ILE B 36 -17.31 15.68 26.24
CA ILE B 36 -17.42 16.84 25.35
C ILE B 36 -16.97 18.10 26.07
N GLU B 37 -17.45 18.29 27.30
CA GLU B 37 -17.14 19.50 28.05
C GLU B 37 -15.63 19.62 28.29
N LEU B 38 -15.00 18.53 28.75
CA LEU B 38 -13.56 18.56 28.99
C LEU B 38 -12.78 18.77 27.70
N ILE B 39 -13.34 18.39 26.56
CA ILE B 39 -12.73 18.78 25.29
C ILE B 39 -12.82 20.29 25.09
N LYS B 40 -14.00 20.87 25.35
CA LYS B 40 -14.19 22.30 25.15
C LYS B 40 -13.39 23.14 26.12
N SER B 41 -13.07 22.61 27.30
CA SER B 41 -12.27 23.35 28.27
C SER B 41 -10.77 23.26 28.01
N GLY B 42 -10.36 22.51 26.98
CA GLY B 42 -8.95 22.36 26.66
C GLY B 42 -8.22 21.29 27.44
N HIS B 43 -8.90 20.58 28.34
CA HIS B 43 -8.24 19.53 29.11
C HIS B 43 -7.96 18.31 28.25
N MET B 44 -8.75 18.10 27.19
CA MET B 44 -8.64 16.93 26.34
C MET B 44 -8.55 17.35 24.89
N ARG B 45 -7.82 16.57 24.10
CA ARG B 45 -7.70 16.76 22.67
C ARG B 45 -8.14 15.50 21.95
N LEU B 46 -8.21 15.60 20.62
CA LEU B 46 -8.82 14.58 19.78
C LEU B 46 -8.00 14.42 18.51
N ARG B 47 -7.81 13.18 18.08
CA ARG B 47 -7.22 12.89 16.79
C ARG B 47 -7.70 11.55 16.30
N GLU B 48 -8.34 11.53 15.13
CA GLU B 48 -8.77 10.33 14.43
C GLU B 48 -9.41 9.31 15.37
N GLY B 49 -10.54 9.70 15.97
CA GLY B 49 -11.29 8.77 16.79
C GLY B 49 -10.75 8.54 18.18
N ILE B 50 -9.63 9.15 18.55
CA ILE B 50 -9.03 8.96 19.86
C ILE B 50 -9.10 10.27 20.64
N VAL B 51 -9.73 10.23 21.82
CA VAL B 51 -9.72 11.35 22.75
C VAL B 51 -8.69 11.05 23.83
N TYR B 52 -7.85 12.02 24.15
CA TYR B 52 -6.78 11.85 25.11
C TYR B 52 -6.61 13.13 25.91
N TRP B 53 -5.89 13.02 27.03
CA TRP B 53 -5.62 14.19 27.85
C TRP B 53 -4.63 15.11 27.15
N SER B 54 -4.84 16.41 27.30
CA SER B 54 -3.88 17.38 26.81
C SER B 54 -2.61 17.33 27.65
N LYS B 55 -1.51 17.79 27.06
CA LYS B 55 -0.21 17.77 27.72
C LYS B 55 -0.27 18.54 29.03
N GLY B 56 0.07 17.87 30.12
CA GLY B 56 0.07 18.50 31.43
C GLY B 56 -1.30 18.86 31.98
N LYS B 57 -2.37 18.33 31.39
CA LYS B 57 -3.72 18.62 31.83
C LYS B 57 -4.44 17.40 32.39
N LYS B 58 -3.74 16.28 32.53
CA LYS B 58 -4.37 15.07 33.04
C LYS B 58 -4.82 15.28 34.48
N LEU B 59 -6.11 15.07 34.74
CA LEU B 59 -6.67 15.31 36.05
C LEU B 59 -6.68 14.06 36.92
N ILE B 60 -6.93 12.89 36.35
CA ILE B 60 -6.98 11.66 37.11
C ILE B 60 -5.58 11.13 37.38
N ASP B 61 -5.47 10.13 38.23
CA ASP B 61 -4.20 9.46 38.51
C ASP B 61 -4.05 8.26 37.58
N GLY B 62 -2.95 8.23 36.84
CA GLY B 62 -2.73 7.16 35.89
C GLY B 62 -1.40 7.34 35.20
N ALA B 63 -1.09 6.41 34.30
CA ALA B 63 0.17 6.41 33.57
C ALA B 63 0.01 6.90 32.14
N GLY B 64 -0.92 6.34 31.38
CA GLY B 64 -1.12 6.70 30.00
C GLY B 64 -1.80 8.05 29.84
N SER B 65 -2.16 8.34 28.59
CA SER B 65 -2.88 9.56 28.26
C SER B 65 -4.20 9.30 27.54
N ILE B 66 -4.49 8.05 27.16
CA ILE B 66 -5.74 7.74 26.50
C ILE B 66 -6.91 8.09 27.39
N VAL B 67 -7.97 8.64 26.80
CA VAL B 67 -9.21 8.93 27.49
C VAL B 67 -10.35 8.06 26.96
N LYS B 68 -10.57 8.07 25.65
CA LYS B 68 -11.75 7.43 25.11
C LYS B 68 -11.54 7.03 23.66
N HIS B 69 -12.06 5.86 23.29
CA HIS B 69 -12.25 5.50 21.89
C HIS B 69 -13.67 5.90 21.50
N LEU B 70 -13.77 6.81 20.55
CA LEU B 70 -15.08 7.37 20.20
C LEU B 70 -15.94 6.34 19.47
N PRO B 71 -17.26 6.41 19.66
CA PRO B 71 -18.16 5.62 18.80
C PRO B 71 -18.26 6.25 17.42
N PHE B 72 -18.46 5.39 16.42
CA PHE B 72 -18.44 5.79 15.03
C PHE B 72 -19.80 5.58 14.38
N LYS B 73 -20.17 6.50 13.49
CA LYS B 73 -21.35 6.41 12.65
C LYS B 73 -20.93 6.54 11.19
N GLU B 74 -21.80 6.09 10.30
CA GLU B 74 -21.52 6.15 8.88
C GLU B 74 -21.89 7.51 8.31
N MET B 75 -21.09 7.99 7.36
CA MET B 75 -21.33 9.26 6.70
C MET B 75 -20.97 9.14 5.23
N THR B 76 -21.86 9.58 4.36
CA THR B 76 -21.66 9.49 2.92
C THR B 76 -21.05 10.79 2.40
N VAL B 77 -19.95 10.66 1.65
CA VAL B 77 -19.34 11.78 0.96
C VAL B 77 -19.28 11.45 -0.52
N ASP B 78 -19.18 12.48 -1.34
CA ASP B 78 -19.18 12.34 -2.79
C ASP B 78 -17.82 12.78 -3.32
N LEU B 79 -17.00 11.82 -3.71
CA LEU B 79 -15.67 12.10 -4.25
C LEU B 79 -15.78 12.15 -5.77
N SER B 80 -15.93 13.35 -6.32
CA SER B 80 -16.04 13.53 -7.76
C SER B 80 -15.05 14.59 -8.24
N VAL B 86 -13.24 19.63 -1.31
CA VAL B 86 -13.23 18.61 -0.21
C VAL B 86 -13.36 19.33 1.13
N GLU B 87 -12.72 20.48 1.28
CA GLU B 87 -12.80 21.26 2.54
C GLU B 87 -14.21 21.86 2.66
N LEU B 88 -14.92 21.97 1.55
CA LEU B 88 -16.28 22.58 1.58
C LEU B 88 -17.34 21.47 1.46
N SER B 92 -21.18 21.42 3.70
CA SER B 92 -22.29 20.48 3.53
C SER B 92 -22.53 19.69 4.81
N ALA B 93 -21.45 19.18 5.39
CA ALA B 93 -21.51 18.48 6.67
C ALA B 93 -21.07 19.45 7.77
N ALA B 94 -20.88 18.94 8.98
CA ALA B 94 -20.51 19.77 10.12
C ALA B 94 -21.53 20.88 10.36
N VAL B 95 -22.79 20.59 10.05
CA VAL B 95 -23.88 21.56 10.19
C VAL B 95 -24.81 21.13 11.30
N LYS B 96 -24.31 21.09 12.53
CA LYS B 96 -25.09 20.65 13.67
C LYS B 96 -24.39 21.05 14.99
N GLY B 104 -15.11 24.25 12.94
CA GLY B 104 -13.67 24.08 12.83
C GLY B 104 -13.21 22.70 13.25
N LEU B 105 -13.72 22.23 14.38
CA LEU B 105 -13.34 20.91 14.87
C LEU B 105 -13.94 19.81 14.00
N SER B 106 -15.25 19.88 13.75
CA SER B 106 -15.90 18.86 12.92
C SER B 106 -15.39 18.91 11.48
N THR B 107 -15.06 20.11 10.98
CA THR B 107 -14.48 20.22 9.64
C THR B 107 -13.17 19.46 9.56
N GLY B 108 -12.29 19.66 10.54
CA GLY B 108 -11.04 18.92 10.56
C GLY B 108 -11.24 17.44 10.74
N ILE B 109 -12.24 17.05 11.53
CA ILE B 109 -12.53 15.63 11.75
C ILE B 109 -12.91 14.97 10.43
N ILE B 110 -13.83 15.58 9.69
CA ILE B 110 -14.31 14.99 8.44
C ILE B 110 -13.21 15.04 7.37
N LEU B 111 -12.43 16.12 7.33
CA LEU B 111 -11.32 16.20 6.39
C LEU B 111 -10.30 15.10 6.64
N GLY B 112 -9.91 14.92 7.91
CA GLY B 112 -8.98 13.86 8.24
C GLY B 112 -9.55 12.48 7.97
N ALA B 113 -10.84 12.30 8.22
CA ALA B 113 -11.47 11.01 7.94
C ALA B 113 -11.44 10.71 6.45
N ILE B 114 -11.66 11.72 5.61
CA ILE B 114 -11.60 11.51 4.17
C ILE B 114 -10.17 11.19 3.74
N VAL B 115 -9.19 11.88 4.34
CA VAL B 115 -7.79 11.64 3.98
C VAL B 115 -7.38 10.22 4.37
N ILE B 116 -7.85 9.74 5.51
CA ILE B 116 -7.41 8.45 6.04
C ILE B 116 -8.15 7.30 5.36
N GLN B 117 -9.47 7.41 5.22
CA GLN B 117 -10.30 6.26 4.89
C GLN B 117 -10.64 6.15 3.41
N THR B 118 -10.34 7.15 2.59
CA THR B 118 -10.71 7.10 1.18
C THR B 118 -9.49 7.03 0.26
N TYR B 120 -8.83 9.16 -2.01
CA TYR B 120 -8.60 10.58 -2.29
C TYR B 120 -7.12 10.87 -2.45
N LEU B 121 -6.32 10.46 -1.46
CA LEU B 121 -4.87 10.62 -1.55
C LEU B 121 -4.27 9.66 -2.57
N SER B 122 -4.85 8.46 -2.70
CA SER B 122 -4.32 7.49 -3.65
C SER B 122 -4.34 8.03 -5.07
N LYS B 123 -5.39 8.76 -5.44
CA LYS B 123 -5.46 9.35 -6.77
C LYS B 123 -4.36 10.39 -6.97
N LYS B 124 -4.13 11.23 -5.96
CA LYS B 124 -3.05 12.21 -6.04
C LYS B 124 -1.70 11.53 -6.20
N LEU B 125 -1.48 10.44 -5.47
CA LEU B 125 -0.21 9.72 -5.57
C LEU B 125 -0.05 9.06 -6.94
N GLU B 126 -1.14 8.52 -7.49
CA GLU B 126 -1.09 7.95 -8.82
C GLU B 126 -0.70 9.00 -9.85
N LYS B 127 -1.31 10.19 -9.76
CA LYS B 127 -0.98 11.23 -10.73
C LYS B 127 0.46 11.71 -10.57
N ILE B 128 0.94 11.79 -9.33
CA ILE B 128 2.34 12.16 -9.13
C ILE B 128 3.27 11.10 -9.72
N GLN B 129 2.97 9.82 -9.51
CA GLN B 129 3.77 8.76 -10.09
C GLN B 129 3.77 8.82 -11.61
N ALA B 130 2.64 9.20 -12.20
CA ALA B 130 2.54 9.23 -13.66
C ALA B 130 3.41 10.32 -14.27
N SER B 131 3.66 11.41 -13.55
CA SER B 131 4.40 12.54 -14.07
C SER B 131 5.90 12.44 -13.84
N ILE B 132 6.38 11.33 -13.30
CA ILE B 132 7.78 11.25 -12.88
C ILE B 132 8.71 11.16 -14.09
N ASP B 133 8.29 10.46 -15.15
CA ASP B 133 9.18 10.22 -16.28
C ASP B 133 9.45 11.50 -17.07
N LYS B 134 8.39 12.27 -17.37
CA LYS B 134 8.58 13.52 -18.09
C LYS B 134 9.41 14.51 -17.28
N ILE B 135 9.29 14.48 -15.96
CA ILE B 135 10.12 15.34 -15.12
C ILE B 135 11.56 14.86 -15.13
N ALA B 136 11.78 13.54 -15.14
CA ALA B 136 13.13 13.00 -15.25
C ALA B 136 13.80 13.49 -16.51
N VAL B 137 13.05 13.56 -17.61
CA VAL B 137 13.60 14.08 -18.86
C VAL B 137 14.06 15.52 -18.69
N GLU B 138 13.29 16.32 -17.93
CA GLU B 138 13.55 17.75 -17.81
C GLU B 138 14.63 18.10 -16.79
N ILE B 139 14.99 17.18 -15.91
CA ILE B 139 16.02 17.44 -14.90
C ILE B 139 17.23 16.55 -15.08
N GLN B 140 17.33 15.85 -16.20
CA GLN B 140 18.42 14.88 -16.41
C GLN B 140 19.79 15.54 -16.31
N THR B 141 19.91 16.80 -16.73
CA THR B 141 21.22 17.45 -16.72
C THR B 141 21.71 17.76 -15.32
N GLN B 142 20.85 17.66 -14.31
CA GLN B 142 21.28 17.87 -12.92
C GLN B 142 21.95 16.63 -12.32
N ASN B 143 21.79 15.46 -12.94
CA ASN B 143 22.46 14.23 -12.52
C ASN B 143 22.12 13.87 -11.07
N GLN B 144 20.88 14.14 -10.68
CA GLN B 144 20.37 13.78 -9.36
C GLN B 144 18.97 13.17 -9.49
N LEU B 145 18.83 12.24 -10.43
CA LEU B 145 17.56 11.59 -10.67
C LEU B 145 17.16 10.63 -9.55
N PHE B 146 18.08 10.31 -8.63
CA PHE B 146 17.72 9.41 -7.54
C PHE B 146 16.63 10.00 -6.66
N TYR B 147 16.53 11.34 -6.60
CA TYR B 147 15.45 11.98 -5.87
C TYR B 147 14.09 11.58 -6.42
N LEU B 148 14.01 11.26 -7.71
CA LEU B 148 12.75 10.78 -8.27
C LEU B 148 12.50 9.33 -7.91
N GLU B 149 13.57 8.54 -7.71
CA GLU B 149 13.39 7.19 -7.21
C GLU B 149 12.84 7.21 -5.78
N LYS B 150 13.47 8.00 -4.91
CA LYS B 150 13.04 8.07 -3.52
C LYS B 150 11.62 8.60 -3.41
N LEU B 151 11.28 9.63 -4.20
CA LEU B 151 9.90 10.10 -4.25
C LEU B 151 8.96 8.95 -4.55
N SER B 152 9.29 8.13 -5.54
CA SER B 152 8.46 6.96 -5.84
C SER B 152 8.37 6.06 -4.61
N SER B 153 9.50 5.80 -3.96
CA SER B 153 9.49 5.02 -2.73
C SER B 153 8.57 5.67 -1.71
N TYR B 154 8.66 7.00 -1.59
CA TYR B 154 7.82 7.71 -0.64
C TYR B 154 6.35 7.39 -0.91
N ILE B 155 5.97 7.40 -2.18
CA ILE B 155 4.61 7.03 -2.56
C ILE B 155 4.27 5.66 -1.99
N GLY B 156 5.10 4.66 -2.31
CA GLY B 156 4.92 3.33 -1.74
C GLY B 156 4.75 3.39 -0.25
N SER B 157 5.67 4.06 0.44
CA SER B 157 5.58 4.13 1.88
C SER B 157 4.23 4.68 2.32
N VAL B 158 3.84 5.84 1.76
CA VAL B 158 2.58 6.44 2.13
C VAL B 158 1.44 5.46 1.87
N MET B 159 1.48 4.81 0.71
CA MET B 159 0.44 3.85 0.38
C MET B 159 0.41 2.73 1.41
N ALA B 160 1.58 2.17 1.73
CA ALA B 160 1.63 1.12 2.74
C ALA B 160 1.05 1.62 4.05
N ALA B 161 1.38 2.86 4.43
CA ALA B 161 0.83 3.41 5.65
C ALA B 161 -0.69 3.47 5.56
N HIS B 162 -1.20 3.97 4.44
CA HIS B 162 -2.65 4.04 4.24
C HIS B 162 -3.27 2.66 4.32
N GLU B 163 -2.54 1.63 3.89
CA GLU B 163 -3.04 0.27 3.99
C GLU B 163 -3.16 -0.14 5.46
N LEU B 164 -2.12 0.14 6.25
CA LEU B 164 -2.10 -0.29 7.64
C LEU B 164 -3.29 0.27 8.41
N LEU B 165 -3.52 1.59 8.28
CA LEU B 165 -4.64 2.22 8.95
C LEU B 165 -5.96 1.53 8.59
N GLY B 166 -6.11 1.13 7.32
CA GLY B 166 -7.29 0.38 6.95
C GLY B 166 -7.42 -0.90 7.74
N ILE B 167 -6.34 -1.69 7.76
CA ILE B 167 -6.30 -2.89 8.58
C ILE B 167 -6.55 -2.54 10.04
N TYR B 168 -6.11 -1.35 10.46
CA TYR B 168 -6.24 -0.96 11.86
C TYR B 168 -7.60 -0.36 12.17
N GLN B 169 -8.54 -0.37 11.22
CA GLN B 169 -9.89 0.08 11.53
C GLN B 169 -10.62 -0.95 12.40
N GLU B 170 -10.31 -2.23 12.25
CA GLU B 170 -10.91 -3.27 13.05
C GLU B 170 -9.91 -4.07 13.87
N HIS B 171 -8.61 -3.91 13.61
CA HIS B 171 -7.58 -4.73 14.23
C HIS B 171 -6.58 -3.86 14.98
N ASP B 172 -5.83 -4.50 15.90
CA ASP B 172 -4.88 -3.84 16.78
C ASP B 172 -3.63 -3.41 16.01
N PRO B 173 -3.15 -2.18 16.23
CA PRO B 173 -1.88 -1.78 15.63
C PRO B 173 -0.71 -2.59 16.18
N ILE B 174 0.25 -2.84 15.31
CA ILE B 174 1.41 -3.67 15.63
C ILE B 174 2.64 -2.78 15.62
N PRO B 175 3.27 -2.51 16.76
CA PRO B 175 4.39 -1.56 16.79
C PRO B 175 5.61 -2.02 16.00
N GLU B 176 5.85 -3.34 15.93
CA GLU B 176 6.98 -3.85 15.14
C GLU B 176 6.79 -3.60 13.66
N ILE B 177 5.57 -3.26 13.23
CA ILE B 177 5.29 -2.92 11.85
C ILE B 177 5.19 -1.40 11.67
N VAL B 178 4.57 -0.70 12.61
CA VAL B 178 4.37 0.74 12.43
C VAL B 178 5.69 1.50 12.61
N GLY B 179 6.52 1.07 13.56
CA GLY B 179 7.76 1.77 13.86
C GLY B 179 8.71 1.99 12.70
N PRO B 180 9.19 0.90 12.09
CA PRO B 180 10.09 1.03 10.94
C PRO B 180 9.50 1.85 9.81
N LEU B 181 8.20 1.70 9.55
CA LEU B 181 7.56 2.50 8.53
C LEU B 181 7.59 3.98 8.88
N LEU B 182 7.45 4.31 10.18
CA LEU B 182 7.52 5.72 10.58
C LEU B 182 8.92 6.28 10.38
N VAL B 183 9.95 5.46 10.65
CA VAL B 183 11.33 5.89 10.38
C VAL B 183 11.50 6.19 8.89
N THR B 184 11.04 5.27 8.04
CA THR B 184 11.18 5.45 6.60
C THR B 184 10.43 6.69 6.13
N LEU B 185 9.22 6.91 6.66
CA LEU B 185 8.43 8.07 6.29
C LEU B 185 9.15 9.36 6.65
N ALA B 186 9.70 9.44 7.87
CA ALA B 186 10.40 10.65 8.29
C ALA B 186 11.62 10.90 7.40
N GLN B 187 12.42 9.86 7.16
CA GLN B 187 13.62 10.01 6.33
C GLN B 187 13.26 10.51 4.93
N GLN B 188 12.28 9.86 4.30
CA GLN B 188 11.92 10.21 2.94
C GLN B 188 11.27 11.58 2.85
N ARG B 189 10.50 11.98 3.88
CA ARG B 189 9.91 13.31 3.86
C ARG B 189 10.98 14.39 3.93
N ASN B 190 11.97 14.21 4.81
CA ASN B 190 13.06 15.18 4.88
C ASN B 190 13.81 15.27 3.55
N GLU B 191 14.14 14.10 2.97
CA GLU B 191 14.88 14.15 1.71
C GLU B 191 14.03 14.73 0.58
N LEU B 192 12.71 14.53 0.63
CA LEU B 192 11.85 15.13 -0.39
C LEU B 192 11.80 16.65 -0.25
N CYS B 193 11.82 17.16 0.98
CA CYS B 193 11.91 18.60 1.16
C CYS B 193 13.20 19.14 0.54
N THR B 194 14.32 18.44 0.76
CA THR B 194 15.57 18.88 0.12
C THR B 194 15.47 18.82 -1.40
N PHE B 195 14.79 17.81 -1.93
CA PHE B 195 14.63 17.70 -3.38
C PHE B 195 13.79 18.86 -3.93
N LEU B 196 12.72 19.22 -3.24
CA LEU B 196 11.90 20.34 -3.68
C LEU B 196 12.69 21.64 -3.65
N MET B 197 13.52 21.82 -2.62
CA MET B 197 14.38 23.00 -2.58
C MET B 197 15.33 23.02 -3.78
N LYS B 198 15.93 21.88 -4.11
CA LYS B 198 16.83 21.84 -5.26
C LYS B 198 16.09 22.10 -6.57
N LEU B 199 14.86 21.58 -6.70
CA LEU B 199 14.05 21.86 -7.88
C LEU B 199 13.80 23.35 -8.04
N ILE B 200 13.41 24.01 -6.93
CA ILE B 200 13.22 25.45 -6.97
C ILE B 200 14.51 26.16 -7.38
N GLY B 201 15.64 25.66 -6.89
CA GLY B 201 16.92 26.27 -7.23
C GLY B 201 17.32 26.12 -8.68
N TRP B 202 16.80 25.10 -9.37
CA TRP B 202 17.17 24.84 -10.76
C TRP B 202 16.40 25.73 -11.73
N GLN B 217 9.57 28.53 -20.51
CA GLN B 217 8.75 27.93 -21.56
C GLN B 217 7.79 26.87 -21.00
N GLU B 218 7.60 25.78 -21.75
CA GLU B 218 6.76 24.70 -21.27
C GLU B 218 7.49 23.82 -20.26
N HIS B 219 8.83 23.79 -20.34
CA HIS B 219 9.64 23.16 -19.31
C HIS B 219 9.27 23.70 -17.92
N ALA B 220 9.15 25.03 -17.82
CA ALA B 220 8.74 25.65 -16.57
C ALA B 220 7.36 25.20 -16.14
N ALA B 221 6.41 25.12 -17.08
CA ALA B 221 5.05 24.70 -16.73
C ALA B 221 5.04 23.29 -16.19
N LEU B 222 5.77 22.38 -16.85
CA LEU B 222 5.83 21.00 -16.39
C LEU B 222 6.40 20.92 -14.98
N ILE B 223 7.53 21.59 -14.74
CA ILE B 223 8.16 21.49 -13.43
C ILE B 223 7.32 22.19 -12.35
N ILE B 224 6.65 23.28 -12.70
CA ILE B 224 5.82 23.99 -11.74
C ILE B 224 4.62 23.15 -11.33
N ASP B 225 3.97 22.52 -12.31
CA ASP B 225 2.87 21.62 -12.00
C ASP B 225 3.32 20.48 -11.09
N PHE B 226 4.49 19.92 -11.40
CA PHE B 226 5.04 18.84 -10.56
C PHE B 226 5.28 19.31 -9.13
N ILE B 227 6.01 20.41 -8.97
CA ILE B 227 6.32 20.94 -7.64
C ILE B 227 5.04 21.25 -6.87
N THR B 228 4.08 21.89 -7.53
CA THR B 228 2.83 22.25 -6.87
C THR B 228 2.10 21.01 -6.36
N HIS B 229 2.02 19.97 -7.19
CA HIS B 229 1.28 18.78 -6.77
C HIS B 229 2.01 18.00 -5.69
N VAL B 230 3.35 17.95 -5.75
CA VAL B 230 4.10 17.24 -4.71
C VAL B 230 3.97 17.96 -3.37
N LEU B 231 4.12 19.28 -3.38
CA LEU B 231 3.90 20.07 -2.18
C LEU B 231 2.49 19.87 -1.65
N ASP B 232 1.48 19.89 -2.54
CA ASP B 232 0.10 19.69 -2.12
C ASP B 232 -0.10 18.32 -1.49
N MET B 233 0.66 17.32 -1.95
CA MET B 233 0.54 15.99 -1.38
C MET B 233 1.13 15.92 0.03
N MET B 234 2.22 16.65 0.28
CA MET B 234 2.95 16.49 1.53
C MET B 234 2.11 16.61 2.81
N PRO B 235 1.20 17.59 2.96
CA PRO B 235 0.45 17.68 4.23
C PRO B 235 -0.42 16.46 4.52
N LYS B 236 -1.02 15.85 3.49
CA LYS B 236 -1.79 14.63 3.71
C LYS B 236 -0.90 13.50 4.21
N ALA B 237 0.31 13.38 3.66
CA ALA B 237 1.22 12.35 4.11
C ALA B 237 1.69 12.62 5.53
N ILE B 238 1.90 13.90 5.88
CA ILE B 238 2.22 14.24 7.26
C ILE B 238 1.09 13.82 8.19
N TYR B 239 -0.15 14.07 7.78
CA TYR B 239 -1.29 13.67 8.58
C TYR B 239 -1.34 12.16 8.77
N ILE B 240 -1.02 11.42 7.71
CA ILE B 240 -1.01 9.95 7.81
C ILE B 240 0.09 9.49 8.79
N GLU B 241 1.27 10.09 8.68
CA GLU B 241 2.36 9.83 9.62
C GLU B 241 1.89 10.01 11.07
N SER B 242 1.25 11.16 11.34
CA SER B 242 0.79 11.45 12.70
C SER B 242 -0.30 10.48 13.15
N THR B 243 -1.15 10.04 12.22
CA THR B 243 -2.19 9.07 12.57
C THR B 243 -1.56 7.73 12.94
N LEU B 244 -0.47 7.34 12.28
CA LEU B 244 0.26 6.14 12.70
C LEU B 244 0.78 6.30 14.13
N TYR B 245 1.37 7.47 14.42
CA TYR B 245 1.80 7.75 15.79
C TYR B 245 0.64 7.59 16.78
N THR B 246 -0.53 8.11 16.41
CA THR B 246 -1.72 7.98 17.27
C THR B 246 -2.09 6.52 17.48
N ARG B 247 -2.06 5.72 16.41
CA ARG B 247 -2.38 4.30 16.52
C ARG B 247 -1.40 3.57 17.43
N LEU B 248 -0.17 4.09 17.57
CA LEU B 248 0.76 3.49 18.52
C LEU B 248 0.57 3.99 19.95
N GLY B 249 -0.41 4.85 20.21
CA GLY B 249 -0.59 5.40 21.53
C GLY B 249 0.29 6.56 21.88
N HIS B 250 0.93 7.20 20.91
CA HIS B 250 1.80 8.36 21.14
C HIS B 250 1.13 9.61 20.57
N TYR B 251 0.16 10.14 21.32
CA TYR B 251 -0.64 11.26 20.85
C TYR B 251 0.12 12.57 20.90
N HIS B 252 0.90 12.80 21.96
CA HIS B 252 1.70 14.02 22.05
C HIS B 252 2.79 14.03 20.98
N HIS B 253 3.41 12.86 20.73
CA HIS B 253 4.32 12.75 19.61
C HIS B 253 3.64 13.16 18.31
N ALA B 254 2.40 12.70 18.10
CA ALA B 254 1.70 13.01 16.85
C ALA B 254 1.48 14.51 16.70
N ASP B 255 1.01 15.17 17.76
CA ASP B 255 0.79 16.62 17.69
C ASP B 255 2.09 17.37 17.41
N THR B 256 3.16 17.01 18.14
CA THR B 256 4.41 17.72 17.97
C THR B 256 5.05 17.45 16.60
N LEU B 257 4.87 16.25 16.07
CA LEU B 257 5.40 15.93 14.75
C LEU B 257 4.65 16.70 13.67
N VAL B 258 3.33 16.81 13.79
CA VAL B 258 2.59 17.68 12.89
C VAL B 258 3.19 19.08 12.92
N GLU B 259 3.45 19.60 14.13
CA GLU B 259 4.04 20.93 14.24
C GLU B 259 5.36 21.04 13.48
N THR B 260 6.31 20.15 13.79
CA THR B 260 7.67 20.29 13.25
C THR B 260 7.69 20.02 11.74
N ALA B 261 7.07 18.94 11.30
CA ALA B 261 7.03 18.63 9.88
C ALA B 261 6.29 19.71 9.11
N GLY B 262 5.24 20.28 9.68
CA GLY B 262 4.55 21.37 9.04
C GLY B 262 5.39 22.62 8.95
N ALA B 263 6.22 22.89 9.96
CA ALA B 263 7.13 24.02 9.87
C ALA B 263 8.12 23.84 8.72
N LYS B 264 8.66 22.63 8.58
CA LYS B 264 9.58 22.37 7.47
C LYS B 264 8.87 22.51 6.12
N TYR B 265 7.65 21.97 6.02
CA TYR B 265 6.85 22.13 4.82
C TYR B 265 6.59 23.60 4.52
N THR B 266 6.32 24.40 5.55
CA THR B 266 6.04 25.82 5.36
C THR B 266 7.29 26.56 4.89
N ALA B 267 8.46 26.17 5.39
CA ALA B 267 9.70 26.76 4.88
C ALA B 267 9.84 26.51 3.39
N VAL B 268 9.59 25.26 2.97
CA VAL B 268 9.67 24.96 1.53
C VAL B 268 8.61 25.75 0.75
N LEU B 269 7.41 25.87 1.31
CA LEU B 269 6.34 26.58 0.63
C LEU B 269 6.68 28.06 0.45
N GLN B 270 7.30 28.66 1.46
CA GLN B 270 7.70 30.06 1.35
C GLN B 270 8.84 30.25 0.36
N ALA B 271 9.74 29.26 0.26
CA ALA B 271 10.74 29.33 -0.82
C ALA B 271 10.05 29.30 -2.19
N TYR B 272 9.04 28.43 -2.35
CA TYR B 272 8.29 28.37 -3.59
C TYR B 272 7.60 29.70 -3.88
N ARG B 273 7.02 30.32 -2.86
CA ARG B 273 6.36 31.61 -3.03
C ARG B 273 7.35 32.68 -3.47
N GLY B 274 8.52 32.73 -2.81
CA GLY B 274 9.53 33.69 -3.23
C GLY B 274 9.98 33.48 -4.66
N TRP B 275 10.09 32.22 -5.09
CA TRP B 275 10.45 31.97 -6.48
C TRP B 275 9.35 32.42 -7.43
N ALA B 276 8.08 32.13 -7.10
CA ALA B 276 6.98 32.47 -7.99
C ALA B 276 6.79 33.97 -8.10
N ARG B 277 7.07 34.71 -7.03
CA ARG B 277 6.88 36.16 -7.07
C ARG B 277 7.94 36.84 -7.94
N ASP B 278 9.13 36.26 -8.04
CA ASP B 278 10.23 36.88 -8.77
C ASP B 278 10.40 36.30 -10.17
N SER B 279 9.51 35.41 -10.61
CA SER B 279 9.64 34.77 -11.91
C SER B 279 8.38 34.86 -12.77
N TYR B 280 7.28 35.39 -12.23
CA TYR B 280 6.04 35.42 -13.01
C TYR B 280 6.16 36.32 -14.23
N ASP B 281 6.79 37.49 -14.06
CA ASP B 281 6.85 38.45 -15.16
C ASP B 281 7.89 38.05 -16.21
N ASN B 282 8.99 37.41 -15.81
CA ASN B 282 10.01 36.99 -16.76
C ASN B 282 9.66 35.71 -17.50
N LEU B 283 8.45 35.18 -17.34
CA LEU B 283 8.03 33.99 -18.04
C LEU B 283 6.86 34.24 -18.98
N LEU B 284 6.29 35.44 -18.98
CA LEU B 284 5.20 35.78 -19.89
C LEU B 284 5.59 36.97 -20.76
N HIS B 291 -1.12 31.53 -26.04
CA HIS B 291 -0.89 30.09 -26.11
C HIS B 291 -0.38 29.54 -24.79
N ASN B 292 0.94 29.35 -24.69
CA ASN B 292 1.55 28.86 -23.45
C ASN B 292 1.42 29.87 -22.32
N ASN B 293 1.13 31.14 -22.63
CA ASN B 293 0.95 32.14 -21.59
C ASN B 293 -0.23 31.80 -20.69
N ARG B 294 -1.33 31.31 -21.28
CA ARG B 294 -2.48 30.90 -20.48
C ARG B 294 -2.13 29.68 -19.62
N LEU B 295 -1.32 28.77 -20.16
CA LEU B 295 -0.89 27.60 -19.41
C LEU B 295 -0.08 28.01 -18.18
N LEU B 296 0.92 28.88 -18.38
CA LEU B 296 1.71 29.36 -17.25
C LEU B 296 0.87 30.15 -16.26
N THR B 297 -0.12 30.91 -16.75
CA THR B 297 -1.00 31.65 -15.84
C THR B 297 -1.82 30.70 -14.98
N ASN B 298 -2.34 29.63 -15.58
CA ASN B 298 -3.04 28.62 -14.78
C ASN B 298 -2.12 27.97 -13.76
N LYS B 299 -0.86 27.71 -14.14
CA LYS B 299 0.08 27.11 -13.20
C LYS B 299 0.36 28.03 -12.03
N PHE B 300 0.53 29.33 -12.30
CA PHE B 300 0.77 30.29 -11.22
C PHE B 300 -0.48 30.47 -10.35
N ASN B 301 -1.67 30.37 -10.95
CA ASN B 301 -2.89 30.39 -10.15
C ASN B 301 -2.97 29.17 -9.24
N ASP B 302 -2.53 28.01 -9.73
CA ASP B 302 -2.46 26.83 -8.89
C ASP B 302 -1.47 27.03 -7.75
N ILE B 303 -0.34 27.69 -8.04
CA ILE B 303 0.63 28.01 -6.98
C ILE B 303 -0.04 28.86 -5.89
N LYS B 304 -0.72 29.93 -6.30
CA LYS B 304 -1.37 30.80 -5.34
C LYS B 304 -2.45 30.06 -4.55
N SER B 305 -3.15 29.12 -5.18
CA SER B 305 -4.12 28.32 -4.45
C SER B 305 -3.45 27.45 -3.40
N LEU B 306 -2.30 26.85 -3.75
CA LEU B 306 -1.57 26.05 -2.78
C LEU B 306 -1.07 26.90 -1.62
N LEU B 307 -0.67 28.15 -1.90
CA LEU B 307 -0.13 29.02 -0.87
C LEU B 307 -1.18 29.42 0.16
N ASN B 308 -2.45 29.41 -0.22
CA ASN B 308 -3.54 29.75 0.70
C ASN B 308 -4.47 28.57 0.91
N SER B 309 -3.94 27.36 0.84
CA SER B 309 -4.75 26.16 0.96
C SER B 309 -5.31 26.03 2.37
N LEU B 310 -6.63 26.20 2.51
CA LEU B 310 -7.27 25.98 3.80
C LEU B 310 -7.20 24.51 4.20
N GLU B 311 -7.30 23.62 3.21
CA GLU B 311 -7.20 22.18 3.48
C GLU B 311 -5.89 21.84 4.17
N ASN B 312 -4.77 22.34 3.63
CA ASN B 312 -3.47 22.02 4.21
C ASN B 312 -3.26 22.70 5.56
N LYS B 313 -3.84 23.89 5.76
CA LYS B 313 -3.73 24.55 7.06
C LYS B 313 -4.48 23.77 8.13
N ILE B 314 -5.66 23.22 7.78
CA ILE B 314 -6.40 22.39 8.72
C ILE B 314 -5.61 21.10 9.00
N LEU B 315 -5.11 20.45 7.95
CA LEU B 315 -4.38 19.21 8.14
C LEU B 315 -3.13 19.41 9.00
N LEU B 316 -2.53 20.60 8.95
CA LEU B 316 -1.31 20.88 9.69
C LEU B 316 -1.56 21.60 11.00
N GLY B 317 -2.82 21.70 11.43
CA GLY B 317 -3.15 22.38 12.66
C GLY B 317 -2.94 23.88 12.59
#